data_8ZGW
#
_entry.id   8ZGW
#
_cell.length_a   51.320
_cell.length_b   113.880
_cell.length_c   180.089
_cell.angle_alpha   90.00
_cell.angle_beta   90.00
_cell.angle_gamma   90.00
#
_symmetry.space_group_name_H-M   'C 2 2 21'
#
loop_
_entity.id
_entity.type
_entity.pdbx_description
1 polymer 'Squalene cyclase C-terminal domain-containing protein'
2 non-polymer 'FARNESYL DIPHOSPHATE'
3 non-polymer 'MAGNESIUM ION'
4 water water
#
_entity_poly.entity_id   1
_entity_poly.type   'polypeptide(L)'
_entity_poly.pdbx_seq_one_letter_code
;HHHHHHMNASPTPTATTTTEPATAVVRCRTRLARRVVAAVGPDGLLPAPCESRVLESALALALLTEERAEADATARLTAY
LRTTLRTAPPDPFQCAVARAVLGGAGERGERVGDEGDMDAGTALDAGLDGFDHFTAGRKRLMFRTVLAALGATGFPAVPW
EAYDTRPQQSWLHMEMKALKVLAAHGTGHPDVVRDEDWRALLPALEPGPAWECNNLAQLLALLALRHSPRHRPALGDVLK
HVAGRLRPDGGMPYIDGMTVFTTAAAGLALSLLPAPPACVTPMADALALRRNPDGGYGFHSGVAQSDVEDTCYVLEFLRR
AAPDRHRTAVAEAEGYLLALRNPDGGFPTFARGTSSEIAMTAAAASALAHDPDRREEVDEAVRYVVRHQRPDGTFERSWS
RNATNAVFRAVLALTGVAAHGEERRSRARAAERALAHLAATQNGDGGWGHAEAEPSDPISTAYAVIALARGPRARPGGPL
DRALAYLVERQHPDGGYRSRPDQAGPRPLLYDVPALADVFVLLALAHATATPDPEGCSR
;
_entity_poly.pdbx_strand_id   A
#
loop_
_chem_comp.id
_chem_comp.type
_chem_comp.name
_chem_comp.formula
FPP non-polymer 'FARNESYL DIPHOSPHATE' 'C15 H28 O7 P2'
MG non-polymer 'MAGNESIUM ION' 'Mg 2'
#
# COMPACT_ATOMS: atom_id res chain seq x y z
N ALA A 22 -26.87 -14.13 -18.69
CA ALA A 22 -25.54 -14.71 -18.94
C ALA A 22 -25.08 -15.61 -17.78
N THR A 23 -23.76 -15.83 -17.67
CA THR A 23 -23.21 -16.68 -16.62
C THR A 23 -23.34 -16.02 -15.25
N ALA A 24 -23.23 -16.85 -14.21
CA ALA A 24 -23.24 -16.30 -12.86
C ALA A 24 -22.09 -15.32 -12.65
N VAL A 25 -21.00 -15.48 -13.40
CA VAL A 25 -19.84 -14.60 -13.28
C VAL A 25 -20.16 -13.21 -13.80
N VAL A 26 -20.80 -13.13 -14.97
CA VAL A 26 -21.14 -11.84 -15.53
C VAL A 26 -22.15 -11.13 -14.65
N ARG A 27 -23.10 -11.88 -14.08
CA ARG A 27 -24.05 -11.29 -13.16
C ARG A 27 -23.36 -10.73 -11.93
N CYS A 28 -22.42 -11.51 -11.38
CA CYS A 28 -21.60 -11.03 -10.27
C CYS A 28 -20.81 -9.78 -10.67
N ARG A 29 -20.15 -9.82 -11.84
CA ARG A 29 -19.43 -8.66 -12.33
C ARG A 29 -20.33 -7.42 -12.38
N THR A 30 -21.54 -7.59 -12.94
CA THR A 30 -22.47 -6.48 -13.13
C THR A 30 -22.89 -5.88 -11.80
N ARG A 31 -23.36 -6.69 -10.85
CA ARG A 31 -23.74 -6.13 -9.56
C ARG A 31 -22.57 -5.38 -8.93
N LEU A 32 -21.35 -5.89 -9.12
CA LEU A 32 -20.19 -5.25 -8.51
C LEU A 32 -19.89 -3.91 -9.18
N ALA A 33 -19.86 -3.88 -10.52
CA ALA A 33 -19.62 -2.64 -11.26
C ALA A 33 -20.65 -1.57 -10.88
N ARG A 34 -21.92 -1.96 -10.75
CA ARG A 34 -22.92 -0.99 -10.30
C ARG A 34 -22.52 -0.37 -8.96
N ARG A 35 -22.07 -1.21 -8.04
CA ARG A 35 -21.69 -0.74 -6.72
C ARG A 35 -20.49 0.20 -6.79
N VAL A 36 -19.48 -0.18 -7.56
CA VAL A 36 -18.29 0.67 -7.69
C VAL A 36 -18.66 2.00 -8.37
N VAL A 37 -19.47 1.96 -9.42
CA VAL A 37 -19.88 3.20 -10.08
C VAL A 37 -20.61 4.09 -9.09
N ALA A 38 -21.58 3.53 -8.36
CA ALA A 38 -22.33 4.33 -7.40
C ALA A 38 -21.42 4.98 -6.37
N ALA A 39 -20.31 4.33 -6.02
CA ALA A 39 -19.48 4.87 -4.93
C ALA A 39 -18.55 5.98 -5.40
N VAL A 40 -18.37 6.18 -6.71
CA VAL A 40 -17.59 7.30 -7.20
C VAL A 40 -18.39 8.58 -7.03
N GLY A 41 -17.77 9.59 -6.41
CA GLY A 41 -18.43 10.86 -6.18
C GLY A 41 -18.41 11.75 -7.42
N PRO A 42 -19.20 12.83 -7.37
CA PRO A 42 -19.22 13.78 -8.49
C PRO A 42 -17.91 14.53 -8.67
N ASP A 43 -17.09 14.64 -7.63
CA ASP A 43 -15.72 15.10 -7.83
C ASP A 43 -14.86 14.07 -8.55
N GLY A 44 -15.44 12.94 -8.95
CA GLY A 44 -14.70 11.93 -9.66
C GLY A 44 -13.79 11.05 -8.83
N LEU A 45 -13.94 11.05 -7.51
CA LEU A 45 -13.07 10.27 -6.64
C LEU A 45 -13.85 9.17 -5.94
N LEU A 46 -13.22 8.00 -5.81
CA LEU A 46 -13.78 6.93 -4.99
C LEU A 46 -13.19 7.07 -3.60
N PRO A 47 -13.98 7.46 -2.59
CA PRO A 47 -13.42 7.65 -1.24
C PRO A 47 -12.88 6.34 -0.70
N ALA A 48 -11.74 6.42 -0.03
CA ALA A 48 -11.02 5.23 0.40
C ALA A 48 -10.43 5.50 1.78
N PRO A 49 -11.28 5.71 2.79
CA PRO A 49 -10.77 5.90 4.14
C PRO A 49 -10.07 4.67 4.67
N CYS A 50 -9.09 4.92 5.52
CA CYS A 50 -8.39 3.85 6.24
C CYS A 50 -9.05 3.67 7.60
N GLU A 51 -9.17 2.42 8.03
CA GLU A 51 -9.74 2.10 9.34
C GLU A 51 -8.75 2.44 10.46
N SER A 52 -9.28 2.50 11.68
CA SER A 52 -8.47 2.61 12.89
C SER A 52 -7.44 1.49 12.95
N ARG A 53 -6.27 1.79 13.51
CA ARG A 53 -5.25 0.77 13.70
C ARG A 53 -4.74 0.83 15.14
N VAL A 54 -4.48 -0.34 15.71
CA VAL A 54 -4.04 -0.40 17.11
C VAL A 54 -2.79 0.44 17.31
N LEU A 55 -1.81 0.32 16.41
CA LEU A 55 -0.52 0.99 16.60
C LEU A 55 -0.69 2.50 16.79
N GLU A 56 -1.38 3.16 15.86
CA GLU A 56 -1.47 4.62 15.94
C GLU A 56 -2.40 5.06 17.06
N SER A 57 -3.47 4.30 17.30
CA SER A 57 -4.33 4.56 18.44
C SER A 57 -3.53 4.52 19.74
N ALA A 58 -2.68 3.50 19.88
CA ALA A 58 -1.82 3.41 21.05
C ALA A 58 -0.90 4.62 21.15
N LEU A 59 -0.23 4.97 20.05
CA LEU A 59 0.65 6.13 20.08
C LEU A 59 -0.13 7.39 20.40
N ALA A 60 -1.28 7.58 19.75
CA ALA A 60 -2.12 8.73 20.11
C ALA A 60 -2.48 8.68 21.58
N LEU A 61 -2.77 7.49 22.12
CA LEU A 61 -3.14 7.41 23.53
C LEU A 61 -1.99 7.87 24.42
N ALA A 62 -0.79 7.34 24.18
CA ALA A 62 0.38 7.76 24.93
C ALA A 62 0.61 9.27 24.82
N LEU A 63 0.64 9.80 23.60
CA LEU A 63 0.91 11.22 23.43
C LEU A 63 -0.07 12.07 24.23
N LEU A 64 -1.38 11.86 24.04
CA LEU A 64 -2.34 12.70 24.75
C LEU A 64 -2.26 12.51 26.25
N THR A 65 -2.02 11.27 26.69
CA THR A 65 -1.92 10.96 28.11
C THR A 65 -0.73 11.68 28.76
N GLU A 66 0.46 11.58 28.14
CA GLU A 66 1.63 12.28 28.65
C GLU A 66 1.42 13.80 28.68
N GLU A 67 0.58 14.33 27.80
CA GLU A 67 0.32 15.77 27.80
C GLU A 67 -0.92 16.14 28.61
N ARG A 68 -1.56 15.18 29.25
CA ARG A 68 -2.76 15.46 30.05
C ARG A 68 -3.71 16.34 29.24
N ALA A 69 -4.08 15.84 28.06
CA ALA A 69 -4.88 16.60 27.11
C ALA A 69 -6.03 15.74 26.63
N GLU A 70 -7.09 16.40 26.17
CA GLU A 70 -8.20 15.76 25.46
C GLU A 70 -8.65 14.48 26.17
N ALA A 71 -9.28 14.70 27.32
CA ALA A 71 -9.71 13.57 28.15
C ALA A 71 -10.78 12.75 27.45
N ASP A 72 -11.69 13.42 26.75
CA ASP A 72 -12.70 12.72 25.97
C ASP A 72 -12.04 11.77 24.97
N ALA A 73 -11.13 12.29 24.15
CA ALA A 73 -10.44 11.46 23.15
C ALA A 73 -9.66 10.34 23.83
N THR A 74 -9.03 10.62 24.96
CA THR A 74 -8.17 9.59 25.59
C THR A 74 -9.04 8.43 26.07
N ALA A 75 -10.26 8.71 26.53
CA ALA A 75 -11.07 7.58 27.00
C ALA A 75 -11.61 6.76 25.83
N ARG A 76 -12.06 7.42 24.77
CA ARG A 76 -12.43 6.73 23.55
C ARG A 76 -11.29 5.87 23.03
N LEU A 77 -10.10 6.47 22.85
CA LEU A 77 -8.94 5.68 22.45
C LEU A 77 -8.76 4.47 23.34
N THR A 78 -8.94 4.66 24.66
CA THR A 78 -8.73 3.55 25.60
C THR A 78 -9.78 2.44 25.42
N ALA A 79 -11.05 2.82 25.22
CA ALA A 79 -12.07 1.79 24.99
C ALA A 79 -11.84 1.06 23.68
N TYR A 80 -11.52 1.80 22.61
CA TYR A 80 -11.22 1.17 21.34
C TYR A 80 -10.12 0.13 21.49
N LEU A 81 -9.04 0.47 22.20
CA LEU A 81 -7.92 -0.46 22.28
C LEU A 81 -8.32 -1.74 23.01
N ARG A 82 -9.09 -1.62 24.10
CA ARG A 82 -9.48 -2.81 24.84
C ARG A 82 -10.44 -3.66 24.02
N THR A 83 -11.47 -3.03 23.44
CA THR A 83 -12.41 -3.73 22.60
C THR A 83 -11.71 -4.52 21.50
N THR A 84 -10.70 -3.90 20.86
CA THR A 84 -10.03 -4.51 19.71
C THR A 84 -9.10 -5.63 20.14
N LEU A 85 -8.54 -5.53 21.35
CA LEU A 85 -7.64 -6.59 21.83
C LEU A 85 -8.41 -7.88 22.09
N ARG A 86 -9.57 -7.79 22.73
CA ARG A 86 -10.40 -8.99 22.91
C ARG A 86 -10.87 -9.53 21.57
N THR A 87 -11.55 -8.71 20.78
CA THR A 87 -12.38 -9.20 19.67
C THR A 87 -11.63 -9.37 18.35
N ALA A 88 -10.71 -8.47 17.98
CA ALA A 88 -10.02 -8.55 16.70
C ALA A 88 -8.56 -8.17 16.87
N PRO A 89 -7.85 -8.86 17.76
CA PRO A 89 -6.48 -8.46 18.09
C PRO A 89 -5.57 -8.63 16.89
N PRO A 90 -4.67 -7.64 16.64
CA PRO A 90 -3.80 -7.68 15.46
C PRO A 90 -2.54 -8.50 15.68
N ASP A 91 -1.50 -8.27 14.88
CA ASP A 91 -0.22 -8.97 15.00
C ASP A 91 0.40 -8.77 16.39
N PRO A 92 1.38 -9.58 16.77
CA PRO A 92 1.89 -9.49 18.16
C PRO A 92 2.62 -8.18 18.46
N PHE A 93 3.34 -7.59 17.50
CA PHE A 93 3.98 -6.32 17.77
C PHE A 93 2.95 -5.27 18.19
N GLN A 94 1.85 -5.15 17.43
CA GLN A 94 0.86 -4.14 17.76
C GLN A 94 0.15 -4.44 19.09
N CYS A 95 -0.09 -5.72 19.39
CA CYS A 95 -0.66 -6.05 20.70
C CYS A 95 0.27 -5.63 21.83
N ALA A 96 1.57 -5.93 21.68
CA ALA A 96 2.53 -5.56 22.70
C ALA A 96 2.65 -4.04 22.82
N VAL A 97 2.49 -3.31 21.71
CA VAL A 97 2.46 -1.85 21.79
C VAL A 97 1.24 -1.40 22.59
N ALA A 98 0.06 -1.96 22.28
CA ALA A 98 -1.14 -1.55 22.98
C ALA A 98 -1.05 -1.90 24.46
N ARG A 99 -0.55 -3.09 24.77
CA ARG A 99 -0.41 -3.50 26.16
C ARG A 99 0.53 -2.58 26.92
N ALA A 100 1.62 -2.16 26.28
CA ALA A 100 2.53 -1.22 26.93
C ALA A 100 1.84 0.10 27.27
N VAL A 101 0.96 0.58 26.38
CA VAL A 101 0.34 1.87 26.64
C VAL A 101 -0.80 1.75 27.64
N LEU A 102 -1.54 0.63 27.60
CA LEU A 102 -2.65 0.42 28.53
C LEU A 102 -2.17 0.15 29.95
N GLY A 103 -0.90 -0.24 30.12
CA GLY A 103 -0.32 -0.39 31.45
C GLY A 103 0.18 0.91 32.05
N GLY A 130 12.35 -14.01 10.00
CA GLY A 130 11.06 -14.23 9.37
C GLY A 130 10.76 -13.25 8.23
N PHE A 131 10.93 -11.96 8.51
CA PHE A 131 10.70 -10.94 7.50
C PHE A 131 11.73 -11.09 6.39
N ASP A 132 11.29 -11.63 5.24
CA ASP A 132 12.15 -11.85 4.07
C ASP A 132 12.13 -10.60 3.21
N HIS A 133 12.90 -9.59 3.62
CA HIS A 133 12.86 -8.31 2.90
C HIS A 133 14.13 -7.52 3.20
N PHE A 134 14.54 -6.71 2.22
CA PHE A 134 15.74 -5.90 2.36
C PHE A 134 15.60 -4.82 3.45
N THR A 135 14.37 -4.48 3.84
CA THR A 135 14.12 -3.44 4.88
C THR A 135 14.39 -3.99 6.29
N ALA A 136 14.33 -5.31 6.46
CA ALA A 136 14.56 -5.93 7.78
C ALA A 136 15.83 -5.31 8.40
N GLY A 137 15.92 -5.30 9.72
CA GLY A 137 17.09 -4.65 10.34
C GLY A 137 16.76 -3.22 10.69
N ARG A 138 16.50 -2.40 9.67
CA ARG A 138 15.99 -1.04 9.95
C ARG A 138 14.68 -1.21 10.72
N LYS A 139 13.85 -2.16 10.30
CA LYS A 139 12.54 -2.42 10.97
C LYS A 139 12.78 -3.00 12.37
N ARG A 140 13.75 -3.88 12.52
CA ARG A 140 14.01 -4.36 13.88
C ARG A 140 14.35 -3.19 14.80
N LEU A 141 15.19 -2.26 14.32
CA LEU A 141 15.58 -1.09 15.11
C LEU A 141 14.37 -0.21 15.39
N MET A 142 13.61 0.12 14.33
CA MET A 142 12.42 0.93 14.46
C MET A 142 11.45 0.34 15.49
N PHE A 143 11.12 -0.94 15.34
CA PHE A 143 10.09 -1.54 16.18
C PHE A 143 10.56 -1.72 17.62
N ARG A 144 11.83 -2.05 17.82
CA ARG A 144 12.36 -2.13 19.18
C ARG A 144 12.28 -0.77 19.87
N THR A 145 12.77 0.29 19.20
CA THR A 145 12.76 1.63 19.78
C THR A 145 11.36 2.08 20.14
N VAL A 146 10.38 1.78 19.29
CA VAL A 146 8.99 2.14 19.62
C VAL A 146 8.59 1.52 20.94
N LEU A 147 8.82 0.21 21.07
CA LEU A 147 8.44 -0.48 22.29
C LEU A 147 9.20 0.07 23.50
N ALA A 148 10.49 0.41 23.32
CA ALA A 148 11.25 1.02 24.42
C ALA A 148 10.71 2.39 24.78
N ALA A 149 10.44 3.22 23.76
CA ALA A 149 9.83 4.52 24.01
C ALA A 149 8.59 4.41 24.86
N LEU A 150 7.81 3.34 24.69
CA LEU A 150 6.61 3.11 25.47
C LEU A 150 6.90 2.39 26.77
N GLY A 151 8.17 2.11 27.06
CA GLY A 151 8.58 1.50 28.32
C GLY A 151 8.48 -0.01 28.41
N ALA A 152 8.36 -0.72 27.27
CA ALA A 152 8.19 -2.17 27.29
C ALA A 152 9.48 -2.95 27.16
N THR A 153 10.55 -2.35 26.66
CA THR A 153 11.81 -3.05 26.49
C THR A 153 12.94 -2.03 26.56
N GLY A 154 14.17 -2.53 26.52
CA GLY A 154 15.32 -1.63 26.57
C GLY A 154 15.61 -1.02 25.22
N PHE A 155 16.22 0.16 25.24
CA PHE A 155 16.58 0.80 23.99
C PHE A 155 17.71 0.02 23.31
N PRO A 156 17.65 -0.15 21.99
CA PRO A 156 18.77 -0.76 21.27
C PRO A 156 20.11 -0.12 21.62
N ALA A 157 21.07 -0.95 22.00
CA ALA A 157 22.41 -0.46 22.31
C ALA A 157 23.23 -0.33 21.02
N VAL A 158 22.79 0.60 20.18
CA VAL A 158 23.40 0.76 18.86
C VAL A 158 24.01 2.15 18.73
N PRO A 159 25.01 2.31 17.87
CA PRO A 159 25.53 3.65 17.57
C PRO A 159 24.42 4.51 16.99
N TRP A 160 24.48 5.82 17.29
CA TRP A 160 23.36 6.68 16.92
C TRP A 160 23.21 6.80 15.41
N GLU A 161 24.27 6.49 14.65
CA GLU A 161 24.18 6.50 13.20
C GLU A 161 23.26 5.43 12.67
N ALA A 162 22.92 4.44 13.50
CA ALA A 162 21.98 3.41 13.08
C ALA A 162 20.69 4.02 12.59
N TYR A 163 20.26 5.13 13.20
CA TYR A 163 19.00 5.78 12.91
C TYR A 163 19.06 6.69 11.68
N ASP A 164 20.24 6.88 11.10
CA ASP A 164 20.38 7.74 9.94
C ASP A 164 20.18 6.89 8.69
N THR A 165 19.35 7.39 7.78
CA THR A 165 18.96 6.67 6.57
C THR A 165 19.11 7.58 5.36
N ARG A 166 19.36 6.97 4.21
CA ARG A 166 19.42 7.71 2.96
C ARG A 166 18.11 8.43 2.72
N PRO A 167 18.12 9.51 1.92
CA PRO A 167 16.86 10.19 1.58
C PRO A 167 16.05 9.36 0.58
N GLN A 168 14.81 9.04 0.94
CA GLN A 168 13.90 8.28 0.09
C GLN A 168 12.46 8.73 0.32
N GLN A 169 11.62 7.84 0.83
CA GLN A 169 10.29 8.18 1.33
C GLN A 169 10.35 9.39 2.26
N SER A 170 9.61 10.45 1.91
CA SER A 170 9.66 11.69 2.67
C SER A 170 9.52 11.47 4.18
N TRP A 171 8.59 10.60 4.58
CA TRP A 171 8.24 10.38 5.97
C TRP A 171 9.09 9.30 6.65
N LEU A 172 9.87 8.51 5.92
CA LEU A 172 10.75 7.57 6.61
C LEU A 172 11.83 8.32 7.39
N HIS A 173 12.37 9.40 6.81
CA HIS A 173 13.38 10.20 7.48
C HIS A 173 12.83 10.76 8.79
N MET A 174 11.64 11.37 8.74
CA MET A 174 11.01 11.90 9.95
C MET A 174 10.84 10.81 11.01
N GLU A 175 10.33 9.64 10.60
CA GLU A 175 10.10 8.56 11.56
C GLU A 175 11.39 8.15 12.25
N MET A 176 12.48 7.99 11.48
CA MET A 176 13.74 7.55 12.07
C MET A 176 14.33 8.62 12.99
N LYS A 177 14.31 9.89 12.56
CA LYS A 177 14.78 10.97 13.42
C LYS A 177 13.98 11.02 14.71
N ALA A 178 12.65 10.92 14.63
CA ALA A 178 11.84 10.90 15.84
C ALA A 178 12.26 9.76 16.77
N LEU A 179 12.50 8.57 16.22
CA LEU A 179 12.88 7.46 17.07
C LEU A 179 14.25 7.68 17.68
N LYS A 180 15.19 8.25 16.91
CA LYS A 180 16.51 8.56 17.47
C LYS A 180 16.39 9.54 18.62
N VAL A 181 15.59 10.60 18.47
CA VAL A 181 15.37 11.54 19.57
C VAL A 181 14.78 10.82 20.79
N LEU A 182 13.80 9.95 20.56
CA LEU A 182 13.24 9.23 21.69
C LEU A 182 14.28 8.34 22.37
N ALA A 183 15.22 7.79 21.60
CA ALA A 183 16.24 6.95 22.21
C ALA A 183 17.29 7.77 22.97
N ALA A 184 17.75 8.87 22.37
CA ALA A 184 18.63 9.80 23.08
C ALA A 184 18.05 10.19 24.44
N HIS A 185 16.81 10.71 24.46
CA HIS A 185 16.17 11.12 25.70
C HIS A 185 15.80 9.94 26.58
N GLY A 186 15.44 8.81 25.98
CA GLY A 186 15.04 7.66 26.78
C GLY A 186 16.22 7.07 27.56
N THR A 187 17.38 6.99 26.92
CA THR A 187 18.58 6.49 27.58
C THR A 187 19.29 7.53 28.43
N GLY A 188 18.75 8.74 28.53
CA GLY A 188 19.38 9.77 29.35
C GLY A 188 20.52 10.50 28.69
N HIS A 189 20.51 10.61 27.36
CA HIS A 189 21.54 11.34 26.63
C HIS A 189 20.91 12.38 25.70
N PRO A 190 20.12 13.31 26.26
CA PRO A 190 19.49 14.32 25.41
C PRO A 190 20.48 15.19 24.63
N ASP A 191 21.68 15.48 25.15
CA ASP A 191 22.65 16.30 24.44
C ASP A 191 23.13 15.67 23.12
N VAL A 192 22.87 14.38 22.90
CA VAL A 192 23.25 13.75 21.64
C VAL A 192 22.43 14.30 20.47
N VAL A 193 21.25 14.84 20.73
CA VAL A 193 20.37 15.24 19.65
C VAL A 193 20.95 16.46 18.96
N ARG A 194 21.07 16.38 17.64
CA ARG A 194 21.59 17.45 16.81
C ARG A 194 20.46 18.34 16.34
N ASP A 195 20.82 19.56 15.94
CA ASP A 195 19.77 20.46 15.45
C ASP A 195 19.20 19.96 14.14
N GLU A 196 19.97 19.19 13.36
CA GLU A 196 19.40 18.60 12.14
C GLU A 196 18.36 17.54 12.46
N ASP A 197 18.52 16.83 13.58
CA ASP A 197 17.49 15.87 14.00
C ASP A 197 16.17 16.57 14.27
N TRP A 198 16.19 17.67 15.02
CA TRP A 198 14.96 18.40 15.32
C TRP A 198 14.31 18.91 14.05
N ARG A 199 15.10 19.45 13.13
CA ARG A 199 14.56 20.14 11.96
C ARG A 199 13.79 19.20 11.06
N ALA A 200 14.14 17.92 11.07
CA ALA A 200 13.38 16.94 10.30
C ALA A 200 11.97 16.76 10.86
N LEU A 201 11.73 17.19 12.10
CA LEU A 201 10.44 16.96 12.73
C LEU A 201 9.48 18.12 12.56
N LEU A 202 9.94 19.26 12.03
CA LEU A 202 9.11 20.46 12.03
C LEU A 202 7.76 20.30 11.31
N PRO A 203 7.64 19.52 10.23
CA PRO A 203 6.33 19.41 9.59
C PRO A 203 5.24 18.90 10.53
N ALA A 204 5.62 18.22 11.60
CA ALA A 204 4.67 17.65 12.53
C ALA A 204 3.99 18.71 13.40
N LEU A 205 4.51 19.95 13.40
CA LEU A 205 3.92 21.03 14.18
C LEU A 205 3.03 21.95 13.34
N GLU A 206 2.83 21.63 12.05
CA GLU A 206 1.91 22.36 11.19
C GLU A 206 0.48 21.98 11.56
N PRO A 207 -0.44 22.95 11.59
CA PRO A 207 -1.84 22.62 11.90
C PRO A 207 -2.46 21.80 10.77
N GLY A 208 -3.60 21.18 11.08
CA GLY A 208 -4.35 20.49 10.06
C GLY A 208 -3.98 19.03 9.93
N PRO A 209 -4.39 18.40 8.83
CA PRO A 209 -4.13 16.96 8.70
C PRO A 209 -2.64 16.68 8.70
N ALA A 210 -2.29 15.47 9.11
CA ALA A 210 -0.89 15.10 9.18
C ALA A 210 -0.20 15.35 7.85
N TRP A 211 1.04 15.82 7.93
CA TRP A 211 1.91 15.91 6.76
C TRP A 211 1.97 14.58 6.00
N GLU A 212 1.84 14.66 4.69
CA GLU A 212 1.83 13.48 3.83
C GLU A 212 0.77 12.45 4.26
N CYS A 213 -0.29 12.91 4.94
CA CYS A 213 -1.38 12.05 5.36
C CYS A 213 -0.94 10.89 6.26
N ASN A 214 0.20 11.01 6.96
CA ASN A 214 0.75 9.89 7.75
C ASN A 214 0.64 10.20 9.23
N ASN A 215 -0.41 9.64 9.86
CA ASN A 215 -0.59 9.83 11.29
C ASN A 215 0.52 9.18 12.11
N LEU A 216 1.05 8.04 11.67
CA LEU A 216 2.14 7.41 12.41
C LEU A 216 3.35 8.34 12.49
N ALA A 217 3.76 8.89 11.34
CA ALA A 217 4.91 9.77 11.32
C ALA A 217 4.70 10.97 12.22
N GLN A 218 3.51 11.61 12.15
CA GLN A 218 3.29 12.79 12.98
C GLN A 218 3.28 12.42 14.46
N LEU A 219 2.63 11.32 14.82
CA LEU A 219 2.57 10.90 16.21
C LEU A 219 3.97 10.60 16.77
N LEU A 220 4.79 9.89 16.01
CA LEU A 220 6.14 9.65 16.48
C LEU A 220 6.89 10.97 16.66
N ALA A 221 6.80 11.84 15.65
CA ALA A 221 7.46 13.14 15.73
C ALA A 221 6.99 13.92 16.96
N LEU A 222 5.68 13.94 17.20
CA LEU A 222 5.15 14.69 18.33
C LEU A 222 5.62 14.09 19.66
N LEU A 223 5.75 12.75 19.72
CA LEU A 223 6.23 12.15 20.95
C LEU A 223 7.68 12.54 21.23
N ALA A 224 8.48 12.73 20.19
CA ALA A 224 9.83 13.23 20.36
C ALA A 224 9.83 14.72 20.69
N LEU A 225 9.06 15.51 19.94
CA LEU A 225 9.10 16.96 20.06
C LEU A 225 8.69 17.44 21.44
N ARG A 226 7.82 16.70 22.12
CA ARG A 226 7.37 17.18 23.42
C ARG A 226 8.49 17.18 24.45
N HIS A 227 9.64 16.56 24.15
CA HIS A 227 10.79 16.64 25.01
C HIS A 227 11.62 17.90 24.76
N SER A 228 11.21 18.75 23.83
CA SER A 228 12.02 19.91 23.50
C SER A 228 11.32 21.20 23.91
N PRO A 229 11.84 21.91 24.94
CA PRO A 229 11.26 23.22 25.32
C PRO A 229 11.15 24.20 24.16
N ARG A 230 12.09 24.19 23.23
CA ARG A 230 12.06 25.08 22.07
C ARG A 230 10.83 24.87 21.18
N HIS A 231 10.23 23.68 21.23
CA HIS A 231 9.16 23.33 20.31
C HIS A 231 7.79 23.20 20.97
N ARG A 232 7.72 23.25 22.31
CA ARG A 232 6.46 23.05 23.04
C ARG A 232 5.40 24.12 22.80
N PRO A 233 5.74 25.36 22.42
CA PRO A 233 4.66 26.33 22.14
C PRO A 233 3.72 25.90 21.03
N ALA A 234 4.20 25.15 20.02
CA ALA A 234 3.34 24.75 18.91
C ALA A 234 2.54 23.49 19.21
N LEU A 235 2.75 22.87 20.38
CA LEU A 235 2.22 21.53 20.62
C LEU A 235 0.73 21.55 20.90
N GLY A 236 0.28 22.51 21.71
CA GLY A 236 -1.12 22.54 22.10
C GLY A 236 -2.06 22.44 20.92
N ASP A 237 -1.80 23.21 19.86
CA ASP A 237 -2.70 23.30 18.71
C ASP A 237 -2.75 21.99 17.94
N VAL A 238 -1.62 21.30 17.76
CA VAL A 238 -1.67 20.06 16.99
C VAL A 238 -2.38 18.97 17.77
N LEU A 239 -2.14 18.91 19.09
CA LEU A 239 -2.85 17.94 19.91
C LEU A 239 -4.37 18.05 19.74
N LYS A 240 -4.87 19.24 19.42
CA LYS A 240 -6.31 19.38 19.21
C LYS A 240 -6.71 18.79 17.87
N HIS A 241 -5.90 19.02 16.83
CA HIS A 241 -6.25 18.41 15.56
C HIS A 241 -6.05 16.89 15.60
N VAL A 242 -5.02 16.43 16.31
CA VAL A 242 -4.84 14.99 16.46
C VAL A 242 -6.07 14.37 17.10
N ALA A 243 -6.54 14.96 18.22
CA ALA A 243 -7.67 14.39 18.93
C ALA A 243 -8.92 14.37 18.08
N GLY A 244 -9.07 15.34 17.17
CA GLY A 244 -10.19 15.44 16.26
C GLY A 244 -10.17 14.44 15.12
N ARG A 245 -9.15 13.59 15.03
CA ARG A 245 -9.09 12.61 13.94
C ARG A 245 -9.75 11.28 14.29
N LEU A 246 -10.12 11.06 15.54
CA LEU A 246 -10.67 9.77 15.93
C LEU A 246 -11.81 9.37 15.01
N ARG A 247 -11.90 8.08 14.74
CA ARG A 247 -12.98 7.58 13.90
C ARG A 247 -14.17 7.22 14.78
N PRO A 248 -15.33 6.98 14.16
CA PRO A 248 -16.53 6.66 14.94
C PRO A 248 -16.28 5.60 15.99
N ASP A 249 -15.41 4.62 15.74
CA ASP A 249 -15.14 3.58 16.72
C ASP A 249 -14.08 3.96 17.76
N GLY A 250 -13.60 5.20 17.77
CA GLY A 250 -12.71 5.65 18.82
C GLY A 250 -11.23 5.47 18.55
N GLY A 251 -10.85 5.01 17.36
CA GLY A 251 -9.48 4.75 17.02
C GLY A 251 -8.88 5.78 16.08
N MET A 252 -7.57 5.67 15.90
CA MET A 252 -6.77 6.51 15.02
C MET A 252 -6.34 5.70 13.80
N PRO A 253 -6.66 6.14 12.59
CA PRO A 253 -6.20 5.42 11.40
C PRO A 253 -4.72 5.69 11.13
N TYR A 254 -4.12 4.75 10.39
CA TYR A 254 -2.73 4.91 9.99
C TYR A 254 -2.55 6.14 9.12
N ILE A 255 -3.36 6.26 8.06
CA ILE A 255 -3.27 7.33 7.07
C ILE A 255 -4.68 7.89 6.88
N ASP A 256 -4.77 9.07 6.26
CA ASP A 256 -6.09 9.65 5.96
C ASP A 256 -6.90 8.73 5.07
N GLY A 257 -6.27 8.18 4.04
CA GLY A 257 -6.96 7.37 3.07
C GLY A 257 -6.05 7.08 1.89
N MET A 258 -6.63 6.42 0.89
CA MET A 258 -5.88 6.02 -0.30
C MET A 258 -6.68 6.31 -1.56
N THR A 259 -7.29 7.50 -1.62
CA THR A 259 -8.25 7.76 -2.68
C THR A 259 -7.59 7.79 -4.06
N VAL A 260 -6.34 8.24 -4.18
CA VAL A 260 -5.73 8.27 -5.50
C VAL A 260 -5.49 6.85 -6.01
N PHE A 261 -4.78 6.04 -5.23
CA PHE A 261 -4.59 4.63 -5.54
C PHE A 261 -5.90 3.93 -5.86
N THR A 262 -6.90 4.09 -4.98
CA THR A 262 -8.18 3.38 -5.13
C THR A 262 -8.96 3.86 -6.36
N THR A 263 -9.00 5.18 -6.58
CA THR A 263 -9.69 5.69 -7.77
C THR A 263 -8.99 5.23 -9.04
N ALA A 264 -7.66 5.20 -9.04
CA ALA A 264 -6.96 4.68 -10.21
C ALA A 264 -7.27 3.20 -10.43
N ALA A 265 -7.21 2.38 -9.38
CA ALA A 265 -7.53 0.97 -9.57
C ALA A 265 -8.96 0.78 -10.04
N ALA A 266 -9.89 1.54 -9.47
CA ALA A 266 -11.29 1.40 -9.87
C ALA A 266 -11.49 1.87 -11.30
N GLY A 267 -10.89 3.00 -11.67
CA GLY A 267 -10.98 3.45 -13.04
C GLY A 267 -10.42 2.43 -14.02
N LEU A 268 -9.29 1.83 -13.66
CA LEU A 268 -8.71 0.80 -14.51
C LEU A 268 -9.68 -0.37 -14.68
N ALA A 269 -10.28 -0.83 -13.59
CA ALA A 269 -11.22 -1.95 -13.66
C ALA A 269 -12.44 -1.59 -14.50
N LEU A 270 -13.00 -0.40 -14.28
CA LEU A 270 -14.14 0.03 -15.07
C LEU A 270 -13.79 0.14 -16.55
N SER A 271 -12.56 0.53 -16.87
CA SER A 271 -12.22 0.72 -18.27
C SER A 271 -11.96 -0.61 -18.99
N LEU A 272 -11.79 -1.69 -18.25
CA LEU A 272 -11.71 -3.03 -18.83
C LEU A 272 -13.09 -3.63 -19.11
N LEU A 273 -14.17 -3.02 -18.63
CA LEU A 273 -15.48 -3.60 -18.86
C LEU A 273 -15.86 -3.53 -20.35
N PRO A 274 -16.83 -4.36 -20.76
CA PRO A 274 -17.25 -4.31 -22.17
C PRO A 274 -17.66 -2.92 -22.60
N ALA A 275 -18.49 -2.26 -21.78
CA ALA A 275 -18.92 -0.89 -22.02
C ALA A 275 -18.59 -0.03 -20.80
N PRO A 276 -17.47 0.67 -20.78
CA PRO A 276 -17.10 1.46 -19.57
C PRO A 276 -18.12 2.54 -19.27
N PRO A 277 -18.40 2.79 -18.00
CA PRO A 277 -19.37 3.84 -17.66
C PRO A 277 -18.82 5.22 -18.01
N ALA A 278 -19.71 6.22 -17.92
CA ALA A 278 -19.33 7.59 -18.26
C ALA A 278 -18.40 8.19 -17.21
N CYS A 279 -18.60 7.82 -15.95
CA CYS A 279 -17.83 8.38 -14.85
C CYS A 279 -16.33 8.12 -14.96
N VAL A 280 -15.83 7.34 -15.93
CA VAL A 280 -14.38 7.20 -16.01
C VAL A 280 -13.71 8.51 -16.39
N THR A 281 -14.41 9.39 -17.14
CA THR A 281 -13.79 10.65 -17.54
C THR A 281 -13.59 11.59 -16.36
N PRO A 282 -14.60 11.89 -15.55
CA PRO A 282 -14.34 12.65 -14.32
C PRO A 282 -13.33 12.00 -13.39
N MET A 283 -13.21 10.66 -13.38
CA MET A 283 -12.17 10.02 -12.57
C MET A 283 -10.78 10.27 -13.16
N ALA A 284 -10.63 10.14 -14.47
CA ALA A 284 -9.37 10.50 -15.10
C ALA A 284 -9.02 11.97 -14.82
N ASP A 285 -10.00 12.87 -14.92
CA ASP A 285 -9.76 14.28 -14.62
C ASP A 285 -9.33 14.45 -13.17
N ALA A 286 -10.00 13.76 -12.23
CA ALA A 286 -9.67 13.94 -10.83
C ALA A 286 -8.25 13.47 -10.51
N LEU A 287 -7.81 12.40 -11.18
CA LEU A 287 -6.44 11.93 -10.97
C LEU A 287 -5.43 12.91 -11.56
N ALA A 288 -5.62 13.29 -12.83
CA ALA A 288 -4.62 14.08 -13.53
C ALA A 288 -4.39 15.44 -12.88
N LEU A 289 -5.43 16.04 -12.30
CA LEU A 289 -5.24 17.34 -11.67
C LEU A 289 -4.54 17.22 -10.32
N ARG A 290 -4.35 16.00 -9.82
CA ARG A 290 -3.65 15.78 -8.57
C ARG A 290 -2.21 15.37 -8.78
N ARG A 291 -1.72 15.35 -10.02
CA ARG A 291 -0.35 14.89 -10.24
C ARG A 291 0.66 15.84 -9.60
N ASN A 292 1.78 15.26 -9.14
CA ASN A 292 2.83 16.04 -8.50
C ASN A 292 3.75 16.67 -9.54
N PRO A 293 4.57 17.65 -9.14
CA PRO A 293 5.45 18.35 -10.11
C PRO A 293 6.38 17.41 -10.86
N ASP A 294 6.83 16.31 -10.23
CA ASP A 294 7.67 15.36 -10.93
C ASP A 294 6.88 14.47 -11.89
N GLY A 295 5.57 14.66 -12.01
CA GLY A 295 4.78 13.87 -12.93
C GLY A 295 4.23 12.58 -12.36
N GLY A 296 4.67 12.14 -11.17
CA GLY A 296 4.14 10.96 -10.53
C GLY A 296 2.95 11.30 -9.66
N TYR A 297 2.46 10.27 -8.93
CA TYR A 297 1.26 10.36 -8.10
C TYR A 297 1.53 9.78 -6.71
N GLY A 298 0.97 10.42 -5.68
CA GLY A 298 0.91 9.85 -4.35
C GLY A 298 -0.36 9.03 -4.15
N PHE A 299 -0.48 8.42 -2.96
CA PHE A 299 -1.58 7.48 -2.71
C PHE A 299 -2.91 8.17 -2.33
N HIS A 300 -2.88 9.41 -1.85
CA HIS A 300 -4.05 10.13 -1.37
C HIS A 300 -3.91 11.59 -1.77
N SER A 301 -5.01 12.33 -1.72
CA SER A 301 -4.95 13.79 -1.91
C SER A 301 -3.93 14.41 -0.96
N GLY A 302 -3.06 15.26 -1.48
CA GLY A 302 -2.14 15.99 -0.63
C GLY A 302 -0.90 15.22 -0.20
N VAL A 303 -0.55 14.16 -0.91
CA VAL A 303 0.69 13.43 -0.70
C VAL A 303 1.66 13.92 -1.76
N ALA A 304 2.63 14.73 -1.36
CA ALA A 304 3.61 15.24 -2.31
C ALA A 304 4.64 14.18 -2.72
N GLN A 305 4.81 13.13 -1.94
CA GLN A 305 5.72 12.05 -2.32
C GLN A 305 5.05 11.17 -3.37
N SER A 306 5.56 11.21 -4.62
CA SER A 306 5.16 10.26 -5.65
C SER A 306 5.77 8.87 -5.39
N ASP A 307 5.11 7.84 -5.93
CA ASP A 307 5.63 6.47 -5.91
C ASP A 307 5.26 5.73 -7.19
N VAL A 308 6.04 4.67 -7.48
CA VAL A 308 5.92 3.91 -8.74
C VAL A 308 4.59 3.18 -8.83
N GLU A 309 4.11 2.64 -7.70
CA GLU A 309 2.88 1.85 -7.74
C GLU A 309 1.67 2.73 -8.09
N ASP A 310 1.53 3.86 -7.40
CA ASP A 310 0.42 4.75 -7.72
C ASP A 310 0.51 5.26 -9.15
N THR A 311 1.72 5.64 -9.57
CA THR A 311 1.87 6.21 -10.90
C THR A 311 1.50 5.19 -11.99
N CYS A 312 1.84 3.92 -11.79
CA CYS A 312 1.54 2.90 -12.80
C CYS A 312 0.04 2.68 -12.94
N TYR A 313 -0.70 2.67 -11.83
CA TYR A 313 -2.15 2.52 -11.92
C TYR A 313 -2.79 3.73 -12.57
N VAL A 314 -2.37 4.95 -12.21
CA VAL A 314 -2.89 6.12 -12.91
C VAL A 314 -2.53 6.03 -14.39
N LEU A 315 -1.29 5.66 -14.70
CA LEU A 315 -0.84 5.61 -16.08
C LEU A 315 -1.63 4.59 -16.89
N GLU A 316 -1.70 3.33 -16.42
CA GLU A 316 -2.51 2.34 -17.11
C GLU A 316 -3.93 2.83 -17.32
N PHE A 317 -4.53 3.45 -16.30
CA PHE A 317 -5.91 3.91 -16.41
C PHE A 317 -6.04 5.01 -17.46
N LEU A 318 -5.18 6.02 -17.42
CA LEU A 318 -5.32 7.16 -18.33
C LEU A 318 -5.07 6.75 -19.78
N ARG A 319 -4.14 5.81 -20.00
CA ARG A 319 -3.86 5.29 -21.33
C ARG A 319 -5.10 4.67 -21.95
N ARG A 320 -5.92 4.01 -21.14
CA ARG A 320 -7.13 3.37 -21.65
C ARG A 320 -8.31 4.32 -21.74
N ALA A 321 -8.52 5.20 -20.76
CA ALA A 321 -9.75 5.98 -20.73
C ALA A 321 -9.57 7.42 -21.19
N ALA A 322 -8.37 7.89 -21.38
CA ALA A 322 -8.23 9.31 -21.70
C ALA A 322 -6.87 9.59 -22.31
N PRO A 323 -6.42 8.79 -23.27
CA PRO A 323 -5.05 8.96 -23.77
C PRO A 323 -4.81 10.28 -24.44
N ASP A 324 -5.84 10.90 -25.01
CA ASP A 324 -5.72 12.21 -25.66
C ASP A 324 -6.11 13.35 -24.74
N ARG A 325 -7.29 13.24 -24.12
CA ARG A 325 -7.70 14.24 -23.14
C ARG A 325 -6.59 14.53 -22.13
N HIS A 326 -5.82 13.50 -21.76
CA HIS A 326 -4.80 13.63 -20.72
C HIS A 326 -3.43 13.24 -21.23
N ARG A 327 -3.17 13.56 -22.50
CA ARG A 327 -1.92 13.20 -23.16
C ARG A 327 -0.70 13.70 -22.40
N THR A 328 -0.77 14.92 -21.89
CA THR A 328 0.36 15.51 -21.17
C THR A 328 0.57 14.83 -19.82
N ALA A 329 -0.51 14.56 -19.09
CA ALA A 329 -0.36 13.81 -17.85
C ALA A 329 0.27 12.45 -18.10
N VAL A 330 -0.15 11.78 -19.19
CA VAL A 330 0.39 10.47 -19.52
C VAL A 330 1.89 10.57 -19.78
N ALA A 331 2.30 11.54 -20.58
CA ALA A 331 3.72 11.63 -20.90
C ALA A 331 4.53 12.05 -19.69
N GLU A 332 3.94 12.83 -18.79
CA GLU A 332 4.68 13.25 -17.59
C GLU A 332 4.87 12.08 -16.63
N ALA A 333 3.96 11.11 -16.69
CA ALA A 333 4.04 9.96 -15.81
C ALA A 333 5.09 8.97 -16.31
N GLU A 334 5.15 8.74 -17.62
CA GLU A 334 6.24 7.94 -18.18
C GLU A 334 7.59 8.57 -17.86
N GLY A 335 7.69 9.89 -18.03
CA GLY A 335 8.94 10.55 -17.70
C GLY A 335 9.33 10.30 -16.25
N TYR A 336 8.35 10.39 -15.35
CA TYR A 336 8.59 10.12 -13.93
C TYR A 336 9.16 8.71 -13.73
N LEU A 337 8.52 7.72 -14.35
CA LEU A 337 8.98 6.33 -14.20
C LEU A 337 10.37 6.17 -14.80
N LEU A 338 10.60 6.72 -16.00
CA LEU A 338 11.89 6.54 -16.66
C LEU A 338 13.04 7.19 -15.89
N ALA A 339 12.80 8.36 -15.29
CA ALA A 339 13.84 9.01 -14.48
C ALA A 339 14.17 8.23 -13.21
N LEU A 340 13.33 7.29 -12.80
CA LEU A 340 13.52 6.54 -11.56
C LEU A 340 14.25 5.22 -11.78
N ARG A 341 14.37 4.77 -13.02
CA ARG A 341 14.82 3.43 -13.31
C ARG A 341 16.22 3.20 -12.81
N ASN A 342 16.44 2.04 -12.19
CA ASN A 342 17.77 1.71 -11.68
C ASN A 342 18.64 1.17 -12.81
N PRO A 343 19.97 1.21 -12.66
CA PRO A 343 20.83 0.71 -13.74
C PRO A 343 20.76 -0.79 -13.94
N ASP A 344 20.28 -1.57 -12.97
CA ASP A 344 20.15 -3.01 -13.12
C ASP A 344 18.90 -3.42 -13.92
N GLY A 345 18.15 -2.47 -14.47
CA GLY A 345 16.95 -2.77 -15.20
C GLY A 345 15.67 -2.72 -14.37
N GLY A 346 15.78 -2.77 -13.05
CA GLY A 346 14.62 -2.72 -12.17
C GLY A 346 14.23 -1.29 -11.84
N PHE A 347 13.17 -1.20 -11.02
CA PHE A 347 12.55 0.04 -10.56
C PHE A 347 12.36 0.02 -9.06
N PRO A 348 12.64 1.14 -8.35
CA PRO A 348 12.35 1.21 -6.91
C PRO A 348 10.91 1.64 -6.65
N THR A 349 10.52 1.80 -5.39
CA THR A 349 9.20 2.31 -5.07
C THR A 349 9.15 3.84 -5.12
N PHE A 350 10.14 4.50 -4.53
CA PHE A 350 10.11 5.93 -4.25
C PHE A 350 11.28 6.68 -4.87
N ALA A 351 12.48 6.09 -4.89
CA ALA A 351 13.67 6.87 -5.15
C ALA A 351 14.72 5.99 -5.80
N ARG A 352 15.39 6.53 -6.81
CA ARG A 352 16.49 5.81 -7.45
C ARG A 352 17.59 5.56 -6.43
N GLY A 353 18.46 4.62 -6.75
CA GLY A 353 19.52 4.24 -5.85
C GLY A 353 19.09 3.38 -4.69
N THR A 354 17.78 3.25 -4.46
CA THR A 354 17.31 2.26 -3.50
C THR A 354 16.90 0.98 -4.24
N SER A 355 16.86 -0.12 -3.50
CA SER A 355 16.71 -1.43 -4.11
C SER A 355 15.53 -1.48 -5.07
N SER A 356 15.79 -1.91 -6.32
CA SER A 356 14.70 -2.25 -7.22
C SER A 356 13.83 -3.32 -6.57
N GLU A 357 12.55 -3.32 -6.91
CA GLU A 357 11.63 -4.33 -6.39
C GLU A 357 10.96 -5.03 -7.56
N ILE A 358 10.60 -6.29 -7.35
CA ILE A 358 10.05 -7.11 -8.42
C ILE A 358 8.72 -6.55 -8.88
N ALA A 359 7.78 -6.43 -7.94
CA ALA A 359 6.45 -5.93 -8.28
C ALA A 359 6.51 -4.53 -8.88
N MET A 360 7.35 -3.65 -8.31
CA MET A 360 7.50 -2.30 -8.86
C MET A 360 8.04 -2.36 -10.29
N THR A 361 8.98 -3.28 -10.53
CA THR A 361 9.57 -3.42 -11.86
C THR A 361 8.59 -4.03 -12.84
N ALA A 362 7.82 -5.03 -12.40
CA ALA A 362 6.76 -5.58 -13.22
C ALA A 362 5.70 -4.53 -13.54
N ALA A 363 5.30 -3.74 -12.53
CA ALA A 363 4.27 -2.72 -12.78
C ALA A 363 4.75 -1.69 -13.78
N ALA A 364 6.02 -1.27 -13.69
CA ALA A 364 6.50 -0.25 -14.63
C ALA A 364 6.67 -0.80 -16.03
N ALA A 365 6.97 -2.10 -16.17
CA ALA A 365 7.08 -2.70 -17.49
C ALA A 365 5.75 -2.70 -18.23
N SER A 366 4.69 -3.16 -17.55
CA SER A 366 3.36 -3.10 -18.15
C SER A 366 2.97 -1.67 -18.48
N ALA A 367 3.20 -0.74 -17.56
CA ALA A 367 2.74 0.63 -17.75
C ALA A 367 3.48 1.32 -18.90
N LEU A 368 4.75 1.01 -19.11
CA LEU A 368 5.50 1.64 -20.18
C LEU A 368 5.46 0.87 -21.50
N ALA A 369 4.78 -0.28 -21.53
CA ALA A 369 4.76 -1.08 -22.75
C ALA A 369 3.95 -0.43 -23.86
N HIS A 370 2.96 0.41 -23.51
CA HIS A 370 2.05 0.93 -24.52
C HIS A 370 2.80 1.65 -25.63
N ASP A 371 3.67 2.58 -25.27
CA ASP A 371 4.48 3.28 -26.26
C ASP A 371 5.60 2.38 -26.77
N PRO A 372 5.75 2.22 -28.10
CA PRO A 372 6.83 1.36 -28.63
C PRO A 372 8.20 1.97 -28.47
N ASP A 373 8.30 3.27 -28.17
CA ASP A 373 9.57 3.96 -28.02
C ASP A 373 10.34 3.58 -26.76
N ARG A 374 9.72 2.84 -25.82
CA ARG A 374 10.41 2.43 -24.60
C ARG A 374 10.71 0.93 -24.60
N ARG A 375 10.70 0.29 -25.78
CA ARG A 375 10.92 -1.15 -25.86
C ARG A 375 12.18 -1.58 -25.13
N GLU A 376 13.25 -0.79 -25.24
CA GLU A 376 14.51 -1.19 -24.64
C GLU A 376 14.44 -1.16 -23.12
N GLU A 377 13.71 -0.19 -22.56
CA GLU A 377 13.55 -0.15 -21.10
C GLU A 377 12.55 -1.20 -20.64
N VAL A 378 11.49 -1.43 -21.42
CA VAL A 378 10.49 -2.42 -21.04
C VAL A 378 11.12 -3.81 -21.02
N ASP A 379 11.85 -4.18 -22.09
CA ASP A 379 12.46 -5.51 -22.15
C ASP A 379 13.45 -5.71 -21.00
N GLU A 380 14.28 -4.71 -20.69
CA GLU A 380 15.23 -4.83 -19.58
C GLU A 380 14.49 -5.06 -18.25
N ALA A 381 13.32 -4.42 -18.09
CA ALA A 381 12.52 -4.67 -16.89
C ALA A 381 12.02 -6.11 -16.86
N VAL A 382 11.46 -6.60 -17.97
CA VAL A 382 10.94 -7.97 -17.97
C VAL A 382 12.05 -8.98 -17.69
N ARG A 383 13.27 -8.70 -18.17
CA ARG A 383 14.39 -9.61 -17.91
C ARG A 383 14.79 -9.57 -16.45
N TYR A 384 14.66 -8.41 -15.80
CA TYR A 384 14.87 -8.32 -14.36
C TYR A 384 13.90 -9.23 -13.62
N VAL A 385 12.63 -9.22 -14.03
CA VAL A 385 11.62 -10.05 -13.38
C VAL A 385 12.00 -11.52 -13.51
N VAL A 386 12.32 -11.97 -14.73
CA VAL A 386 12.66 -13.37 -14.95
C VAL A 386 13.85 -13.79 -14.10
N ARG A 387 14.91 -12.97 -14.08
CA ARG A 387 16.11 -13.28 -13.31
C ARG A 387 15.81 -13.52 -11.84
N HIS A 388 14.78 -12.87 -11.29
CA HIS A 388 14.54 -12.90 -9.86
C HIS A 388 13.44 -13.87 -9.44
N GLN A 389 12.88 -14.63 -10.37
CA GLN A 389 11.89 -15.64 -10.02
C GLN A 389 12.54 -16.67 -9.10
N ARG A 390 11.82 -17.08 -8.07
CA ARG A 390 12.37 -18.03 -7.10
C ARG A 390 12.32 -19.46 -7.64
N PRO A 391 13.06 -20.37 -7.01
CA PRO A 391 13.07 -21.78 -7.47
C PRO A 391 11.70 -22.43 -7.49
N ASP A 392 10.77 -21.99 -6.65
CA ASP A 392 9.44 -22.58 -6.62
C ASP A 392 8.42 -21.80 -7.45
N GLY A 393 8.85 -20.84 -8.27
CA GLY A 393 7.96 -20.12 -9.15
C GLY A 393 7.43 -18.80 -8.63
N THR A 394 7.68 -18.45 -7.36
CA THR A 394 7.14 -17.23 -6.77
C THR A 394 8.13 -16.07 -6.89
N PHE A 395 7.77 -14.93 -6.31
CA PHE A 395 8.62 -13.75 -6.45
C PHE A 395 8.95 -13.10 -5.10
N GLU A 396 8.00 -12.47 -4.40
CA GLU A 396 8.31 -11.74 -3.17
C GLU A 396 7.02 -11.22 -2.54
N ARG A 397 7.12 -10.87 -1.26
CA ARG A 397 6.10 -10.07 -0.58
C ARG A 397 6.74 -8.71 -0.27
N SER A 398 5.99 -7.64 -0.54
CA SER A 398 6.48 -6.29 -0.26
C SER A 398 5.33 -5.42 0.24
N TRP A 399 4.76 -4.60 -0.63
CA TRP A 399 3.67 -3.73 -0.24
C TRP A 399 2.36 -4.49 -0.02
N SER A 400 2.28 -5.75 -0.44
CA SER A 400 1.17 -6.64 -0.10
C SER A 400 1.72 -7.80 0.72
N ARG A 401 0.85 -8.39 1.54
CA ARG A 401 1.22 -9.50 2.41
C ARG A 401 0.90 -10.87 1.82
N ASN A 402 0.32 -10.94 0.63
CA ASN A 402 0.12 -12.25 0.03
C ASN A 402 1.15 -12.49 -1.06
N ALA A 403 1.34 -13.78 -1.36
CA ALA A 403 2.18 -14.16 -2.48
C ALA A 403 1.55 -13.82 -3.81
N THR A 404 0.21 -13.85 -3.91
CA THR A 404 -0.40 -13.69 -5.23
C THR A 404 -0.21 -12.29 -5.83
N ASN A 405 0.10 -11.27 -5.02
CA ASN A 405 0.21 -9.93 -5.57
C ASN A 405 1.40 -9.82 -6.53
N ALA A 406 2.58 -10.23 -6.09
CA ALA A 406 3.74 -10.19 -6.98
C ALA A 406 3.56 -11.12 -8.17
N VAL A 407 2.91 -12.26 -7.97
CA VAL A 407 2.70 -13.15 -9.10
C VAL A 407 1.88 -12.43 -10.17
N PHE A 408 0.81 -11.73 -9.75
CA PHE A 408 -0.07 -11.07 -10.73
C PHE A 408 0.70 -9.98 -11.49
N ARG A 409 1.44 -9.12 -10.78
CA ARG A 409 2.32 -8.15 -11.46
C ARG A 409 3.23 -8.87 -12.45
N ALA A 410 3.98 -9.86 -11.96
CA ALA A 410 4.93 -10.56 -12.82
C ALA A 410 4.25 -11.13 -14.05
N VAL A 411 3.10 -11.79 -13.87
CA VAL A 411 2.50 -12.47 -15.01
C VAL A 411 2.04 -11.46 -16.06
N LEU A 412 1.51 -10.30 -15.65
CA LEU A 412 1.08 -9.31 -16.64
C LEU A 412 2.25 -8.75 -17.42
N ALA A 413 3.34 -8.42 -16.73
CA ALA A 413 4.56 -8.02 -17.44
C ALA A 413 5.06 -9.13 -18.37
N LEU A 414 4.98 -10.39 -17.94
CA LEU A 414 5.56 -11.47 -18.72
C LEU A 414 4.76 -11.77 -19.98
N THR A 415 3.46 -11.55 -19.93
CA THR A 415 2.55 -11.89 -21.02
C THR A 415 2.04 -10.68 -21.79
N GLY A 416 2.30 -9.47 -21.34
CA GLY A 416 1.71 -8.30 -21.98
C GLY A 416 2.66 -7.61 -22.92
N VAL A 417 3.94 -7.65 -22.58
CA VAL A 417 4.98 -7.18 -23.49
C VAL A 417 5.14 -8.24 -24.57
N ALA A 418 4.72 -7.93 -25.79
CA ALA A 418 4.82 -8.91 -26.87
C ALA A 418 6.27 -9.31 -27.07
N ALA A 419 6.48 -10.57 -27.43
CA ALA A 419 7.82 -11.10 -27.52
C ALA A 419 7.81 -12.30 -28.43
N HIS A 420 8.94 -12.56 -29.08
CA HIS A 420 9.01 -13.64 -30.03
C HIS A 420 10.41 -14.23 -29.98
N GLY A 421 10.51 -15.50 -30.37
CA GLY A 421 11.78 -16.19 -30.39
C GLY A 421 12.16 -16.77 -29.04
N GLU A 422 13.45 -16.74 -28.71
CA GLU A 422 13.92 -17.35 -27.47
C GLU A 422 13.43 -16.59 -26.24
N GLU A 423 13.30 -15.26 -26.35
CA GLU A 423 12.80 -14.49 -25.21
C GLU A 423 11.31 -14.74 -25.00
N ARG A 424 10.56 -15.01 -26.07
CA ARG A 424 9.20 -15.48 -25.90
C ARG A 424 9.16 -16.78 -25.10
N ARG A 425 10.00 -17.76 -25.47
CA ARG A 425 10.07 -19.02 -24.75
C ARG A 425 10.40 -18.78 -23.28
N SER A 426 11.40 -17.95 -23.04
CA SER A 426 11.89 -17.73 -21.69
C SER A 426 10.85 -17.03 -20.82
N ARG A 427 10.12 -16.04 -21.36
CA ARG A 427 9.07 -15.42 -20.57
C ARG A 427 7.88 -16.37 -20.37
N ALA A 428 7.53 -17.17 -21.39
CA ALA A 428 6.41 -18.10 -21.25
C ALA A 428 6.70 -19.13 -20.17
N ARG A 429 7.94 -19.62 -20.09
CA ARG A 429 8.27 -20.56 -19.05
C ARG A 429 8.18 -19.91 -17.67
N ALA A 430 8.70 -18.70 -17.53
CA ALA A 430 8.61 -18.02 -16.23
C ALA A 430 7.16 -17.84 -15.83
N ALA A 431 6.32 -17.37 -16.76
CA ALA A 431 4.91 -17.18 -16.46
C ALA A 431 4.24 -18.50 -16.07
N GLU A 432 4.52 -19.57 -16.82
CA GLU A 432 3.94 -20.88 -16.53
C GLU A 432 4.27 -21.33 -15.10
N ARG A 433 5.51 -21.15 -14.66
CA ARG A 433 5.85 -21.58 -13.31
C ARG A 433 5.13 -20.75 -12.27
N ALA A 434 4.88 -19.46 -12.54
CA ALA A 434 4.13 -18.63 -11.61
C ALA A 434 2.69 -19.12 -11.50
N LEU A 435 2.07 -19.48 -12.63
CA LEU A 435 0.70 -19.95 -12.57
C LEU A 435 0.61 -21.37 -11.99
N ALA A 436 1.60 -22.22 -12.26
CA ALA A 436 1.66 -23.52 -11.59
C ALA A 436 1.76 -23.34 -10.09
N HIS A 437 2.56 -22.38 -9.65
CA HIS A 437 2.62 -22.13 -8.21
C HIS A 437 1.24 -21.81 -7.67
N LEU A 438 0.47 -20.97 -8.39
CA LEU A 438 -0.88 -20.68 -7.97
C LEU A 438 -1.71 -21.96 -7.90
N ALA A 439 -1.69 -22.76 -8.96
CA ALA A 439 -2.48 -23.99 -8.97
C ALA A 439 -2.11 -24.88 -7.79
N ALA A 440 -0.84 -24.91 -7.42
CA ALA A 440 -0.39 -25.85 -6.40
C ALA A 440 -0.81 -25.45 -4.99
N THR A 441 -0.97 -24.14 -4.74
CA THR A 441 -1.30 -23.58 -3.43
C THR A 441 -2.77 -23.15 -3.31
N GLN A 442 -3.60 -23.42 -4.32
CA GLN A 442 -5.02 -23.08 -4.27
C GLN A 442 -5.74 -23.86 -3.18
N ASN A 443 -6.54 -23.16 -2.39
CA ASN A 443 -7.26 -23.81 -1.30
C ASN A 443 -8.48 -24.57 -1.82
N GLY A 444 -8.97 -25.46 -0.96
CA GLY A 444 -10.08 -26.32 -1.33
C GLY A 444 -11.33 -25.56 -1.78
N ASP A 445 -11.59 -24.39 -1.17
CA ASP A 445 -12.75 -23.60 -1.57
C ASP A 445 -12.53 -22.83 -2.87
N GLY A 446 -11.36 -22.96 -3.47
CA GLY A 446 -11.09 -22.31 -4.74
C GLY A 446 -10.35 -20.99 -4.64
N GLY A 447 -10.15 -20.47 -3.43
CA GLY A 447 -9.45 -19.22 -3.26
C GLY A 447 -8.04 -19.38 -2.74
N TRP A 448 -7.40 -18.24 -2.50
CA TRP A 448 -6.06 -18.20 -1.93
C TRP A 448 -6.04 -17.26 -0.74
N GLY A 449 -5.19 -17.57 0.24
CA GLY A 449 -4.93 -16.67 1.34
C GLY A 449 -3.62 -15.91 1.18
N HIS A 450 -3.23 -15.25 2.28
CA HIS A 450 -1.97 -14.50 2.32
C HIS A 450 -0.75 -15.40 2.12
N ALA A 451 -0.83 -16.63 2.62
CA ALA A 451 0.24 -17.63 2.56
C ALA A 451 -0.41 -18.96 2.22
N GLU A 452 0.41 -19.91 1.72
CA GLU A 452 -0.18 -21.13 1.16
C GLU A 452 -1.09 -21.83 2.15
N ALA A 453 -0.78 -21.75 3.43
CA ALA A 453 -1.58 -22.46 4.42
C ALA A 453 -2.62 -21.58 5.09
N GLU A 454 -2.88 -20.36 4.53
CA GLU A 454 -3.84 -19.42 5.11
C GLU A 454 -5.23 -19.60 4.51
N PRO A 455 -6.26 -19.26 5.28
CA PRO A 455 -7.63 -19.25 4.75
C PRO A 455 -7.77 -18.30 3.58
N SER A 456 -8.64 -18.65 2.63
CA SER A 456 -8.85 -17.81 1.46
C SER A 456 -9.41 -16.45 1.82
N ASP A 457 -9.10 -15.45 1.00
CA ASP A 457 -9.76 -14.14 1.09
C ASP A 457 -9.91 -13.57 -0.33
N PRO A 458 -10.91 -12.71 -0.53
CA PRO A 458 -11.22 -12.26 -1.90
C PRO A 458 -10.12 -11.47 -2.57
N ILE A 459 -9.37 -10.65 -1.82
CA ILE A 459 -8.34 -9.83 -2.45
C ILE A 459 -7.20 -10.71 -2.94
N SER A 460 -6.68 -11.59 -2.06
CA SER A 460 -5.65 -12.52 -2.52
C SER A 460 -6.13 -13.33 -3.70
N THR A 461 -7.40 -13.76 -3.67
CA THR A 461 -7.95 -14.54 -4.78
C THR A 461 -8.04 -13.69 -6.04
N ALA A 462 -8.43 -12.42 -5.89
CA ALA A 462 -8.57 -11.54 -7.05
C ALA A 462 -7.23 -11.41 -7.79
N TYR A 463 -6.15 -11.19 -7.06
CA TYR A 463 -4.84 -11.12 -7.70
C TYR A 463 -4.56 -12.40 -8.49
N ALA A 464 -4.77 -13.57 -7.87
CA ALA A 464 -4.53 -14.84 -8.55
C ALA A 464 -5.36 -14.96 -9.82
N VAL A 465 -6.62 -14.53 -9.77
CA VAL A 465 -7.47 -14.59 -10.95
C VAL A 465 -6.90 -13.73 -12.09
N ILE A 466 -6.44 -12.52 -11.77
CA ILE A 466 -5.88 -11.68 -12.83
C ILE A 466 -4.74 -12.40 -13.53
N ALA A 467 -3.82 -12.97 -12.74
CA ALA A 467 -2.72 -13.78 -13.29
C ALA A 467 -3.26 -14.93 -14.13
N LEU A 468 -4.22 -15.69 -13.60
CA LEU A 468 -4.69 -16.88 -14.30
C LEU A 468 -5.43 -16.51 -15.59
N ALA A 469 -6.22 -15.43 -15.58
CA ALA A 469 -6.87 -15.01 -16.81
C ALA A 469 -5.88 -14.80 -17.96
N ARG A 470 -4.59 -14.69 -17.66
CA ARG A 470 -3.56 -14.64 -18.70
C ARG A 470 -3.07 -16.02 -19.11
N GLY A 471 -3.54 -17.09 -18.47
CA GLY A 471 -3.12 -18.42 -18.83
C GLY A 471 -4.04 -19.03 -19.86
N PRO A 472 -4.07 -20.38 -19.96
CA PRO A 472 -5.00 -21.06 -20.87
C PRO A 472 -6.49 -20.88 -20.53
N ARG A 473 -7.36 -21.13 -21.50
CA ARG A 473 -8.82 -20.92 -21.33
C ARG A 473 -9.35 -21.70 -20.12
N ALA A 474 -10.25 -21.06 -19.37
CA ALA A 474 -10.87 -21.69 -18.19
C ALA A 474 -11.58 -22.97 -18.60
N ARG A 475 -11.04 -24.11 -18.19
CA ARG A 475 -11.70 -25.40 -18.49
C ARG A 475 -12.56 -25.72 -17.27
N PRO A 476 -13.67 -26.45 -17.45
CA PRO A 476 -14.54 -26.73 -16.34
C PRO A 476 -13.69 -27.33 -15.21
N GLY A 477 -13.92 -26.87 -13.98
CA GLY A 477 -13.21 -27.35 -12.82
C GLY A 477 -11.73 -27.04 -12.80
N GLY A 478 -11.24 -26.24 -13.73
CA GLY A 478 -9.88 -25.74 -13.70
C GLY A 478 -9.67 -24.74 -12.57
N PRO A 479 -8.41 -24.37 -12.32
CA PRO A 479 -8.15 -23.43 -11.21
C PRO A 479 -8.84 -22.09 -11.35
N LEU A 480 -8.82 -21.48 -12.55
CA LEU A 480 -9.49 -20.19 -12.75
C LEU A 480 -10.98 -20.32 -12.54
N ASP A 481 -11.60 -21.32 -13.17
CA ASP A 481 -13.03 -21.58 -13.01
C ASP A 481 -13.40 -21.67 -11.54
N ARG A 482 -12.60 -22.39 -10.75
CA ARG A 482 -12.92 -22.56 -9.33
C ARG A 482 -12.71 -21.28 -8.53
N ALA A 483 -11.76 -20.44 -8.92
CA ALA A 483 -11.55 -19.17 -8.23
C ALA A 483 -12.69 -18.20 -8.54
N LEU A 484 -13.15 -18.20 -9.79
CA LEU A 484 -14.33 -17.42 -10.13
C LEU A 484 -15.53 -17.87 -9.31
N ALA A 485 -15.72 -19.19 -9.17
CA ALA A 485 -16.84 -19.67 -8.36
C ALA A 485 -16.69 -19.23 -6.92
N TYR A 486 -15.45 -19.15 -6.44
CA TYR A 486 -15.21 -18.66 -5.10
C TYR A 486 -15.62 -17.20 -4.98
N LEU A 487 -15.29 -16.35 -5.98
CA LEU A 487 -15.65 -14.94 -5.90
C LEU A 487 -17.16 -14.75 -6.02
N VAL A 488 -17.81 -15.49 -6.91
CA VAL A 488 -19.27 -15.44 -7.00
C VAL A 488 -19.90 -15.74 -5.63
N GLU A 489 -19.47 -16.83 -5.00
CA GLU A 489 -20.12 -17.23 -3.75
C GLU A 489 -19.87 -16.25 -2.61
N ARG A 490 -18.79 -15.46 -2.66
CA ARG A 490 -18.46 -14.55 -1.56
C ARG A 490 -19.00 -13.14 -1.79
N GLN A 491 -19.78 -12.95 -2.85
CA GLN A 491 -20.38 -11.65 -3.05
C GLN A 491 -21.44 -11.40 -1.99
N HIS A 492 -21.35 -10.25 -1.36
CA HIS A 492 -22.31 -9.85 -0.36
C HIS A 492 -23.66 -9.50 -1.02
N PRO A 493 -24.76 -9.62 -0.27
CA PRO A 493 -26.05 -9.13 -0.79
C PRO A 493 -26.03 -7.69 -1.31
N ASP A 494 -25.28 -6.79 -0.68
CA ASP A 494 -25.21 -5.41 -1.20
C ASP A 494 -24.35 -5.30 -2.44
N GLY A 495 -23.85 -6.42 -2.97
CA GLY A 495 -23.09 -6.42 -4.19
C GLY A 495 -21.58 -6.33 -4.01
N GLY A 496 -21.11 -6.13 -2.78
CA GLY A 496 -19.72 -5.87 -2.51
C GLY A 496 -18.99 -7.04 -1.89
N TYR A 497 -17.77 -6.77 -1.47
CA TYR A 497 -16.92 -7.79 -0.86
C TYR A 497 -16.33 -7.26 0.44
N ARG A 498 -16.30 -8.13 1.45
CA ARG A 498 -15.57 -7.85 2.69
C ARG A 498 -14.38 -8.77 2.70
N SER A 499 -13.18 -8.20 2.78
CA SER A 499 -11.96 -9.04 2.83
C SER A 499 -10.99 -8.61 3.90
N ARG A 500 -10.28 -9.58 4.46
CA ARG A 500 -9.16 -9.21 5.33
C ARG A 500 -8.26 -8.31 4.47
N PRO A 501 -7.65 -7.26 5.06
CA PRO A 501 -6.78 -6.38 4.29
C PRO A 501 -5.45 -7.03 3.86
N ASP A 502 -4.86 -6.50 2.80
CA ASP A 502 -3.55 -7.00 2.30
C ASP A 502 -2.50 -5.88 2.31
N GLN A 503 -2.89 -4.62 2.49
CA GLN A 503 -1.90 -3.55 2.39
C GLN A 503 -1.06 -3.51 3.67
N ALA A 504 0.23 -3.29 3.49
CA ALA A 504 1.17 -3.21 4.59
C ALA A 504 1.89 -1.87 4.58
N GLY A 505 2.20 -1.36 5.77
CA GLY A 505 2.89 -0.11 5.93
C GLY A 505 2.81 0.37 7.36
N PRO A 506 3.98 0.58 7.99
CA PRO A 506 5.31 0.13 7.58
C PRO A 506 5.30 -1.39 7.42
N ARG A 507 5.91 -1.92 6.38
CA ARG A 507 5.95 -3.36 6.20
C ARG A 507 6.52 -4.02 7.46
N PRO A 508 5.94 -5.13 7.92
CA PRO A 508 4.83 -5.89 7.38
C PRO A 508 3.49 -5.61 8.05
N LEU A 509 3.33 -4.49 8.77
CA LEU A 509 2.10 -4.24 9.51
C LEU A 509 0.96 -3.92 8.56
N LEU A 510 -0.12 -4.68 8.68
CA LEU A 510 -1.31 -4.50 7.86
C LEU A 510 -2.07 -3.27 8.28
N TYR A 511 -2.67 -2.60 7.30
CA TYR A 511 -3.70 -1.62 7.57
C TYR A 511 -4.85 -1.88 6.60
N ASP A 512 -6.00 -1.30 6.92
CA ASP A 512 -7.27 -1.71 6.32
C ASP A 512 -7.99 -0.56 5.63
N VAL A 513 -7.93 -0.53 4.30
CA VAL A 513 -8.71 0.39 3.47
C VAL A 513 -9.81 -0.43 2.80
N PRO A 514 -11.00 -0.53 3.40
CA PRO A 514 -12.03 -1.48 2.89
C PRO A 514 -12.46 -1.27 1.44
N ALA A 515 -12.43 -0.03 0.93
CA ALA A 515 -12.90 0.20 -0.45
C ALA A 515 -12.11 -0.60 -1.48
N LEU A 516 -10.89 -1.05 -1.14
CA LEU A 516 -10.07 -1.77 -2.11
C LEU A 516 -10.60 -3.16 -2.44
N ALA A 517 -11.32 -3.80 -1.52
CA ALA A 517 -11.81 -5.16 -1.77
C ALA A 517 -12.70 -5.20 -3.02
N ASP A 518 -13.71 -4.32 -3.08
CA ASP A 518 -14.55 -4.23 -4.27
C ASP A 518 -13.72 -3.92 -5.50
N VAL A 519 -12.79 -2.99 -5.38
CA VAL A 519 -12.05 -2.53 -6.55
C VAL A 519 -11.23 -3.67 -7.14
N PHE A 520 -10.49 -4.39 -6.29
CA PHE A 520 -9.61 -5.41 -6.84
C PHE A 520 -10.39 -6.61 -7.36
N VAL A 521 -11.47 -7.00 -6.68
CA VAL A 521 -12.29 -8.10 -7.23
C VAL A 521 -12.88 -7.68 -8.56
N LEU A 522 -13.35 -6.44 -8.66
CA LEU A 522 -13.89 -6.00 -9.96
C LEU A 522 -12.81 -6.06 -11.02
N LEU A 523 -11.58 -5.68 -10.66
CA LEU A 523 -10.49 -5.73 -11.63
C LEU A 523 -10.23 -7.17 -12.09
N ALA A 524 -10.30 -8.12 -11.17
CA ALA A 524 -10.15 -9.52 -11.54
C ALA A 524 -11.30 -9.96 -12.44
N LEU A 525 -12.55 -9.64 -12.07
CA LEU A 525 -13.69 -10.08 -12.87
C LEU A 525 -13.66 -9.45 -14.27
N ALA A 526 -13.26 -8.18 -14.35
CA ALA A 526 -13.17 -7.51 -15.65
C ALA A 526 -12.08 -8.12 -16.52
N HIS A 527 -10.90 -8.36 -15.94
CA HIS A 527 -9.83 -9.01 -16.68
C HIS A 527 -10.26 -10.37 -17.23
N ALA A 528 -11.02 -11.13 -16.44
CA ALA A 528 -11.21 -12.55 -16.71
C ALA A 528 -12.43 -12.86 -17.57
N THR A 529 -13.25 -11.86 -17.90
CA THR A 529 -14.48 -12.07 -18.68
C THR A 529 -14.47 -11.27 -19.98
C1 FPP B . 4.32 3.34 3.48
O1 FPP B . 4.82 3.01 4.75
C2 FPP B . 2.82 3.03 3.48
C3 FPP B . 1.98 4.14 2.85
C4 FPP B . 1.88 5.44 3.64
C5 FPP B . 0.63 3.62 2.32
C6 FPP B . 0.92 2.72 1.11
C7 FPP B . 1.30 3.60 -0.08
C8 FPP B . 2.80 3.64 -0.34
C10 FPP B . 3.26 4.82 -1.21
C9 FPP B . 3.37 2.27 -0.73
C11 FPP B . 3.31 2.07 -2.25
C12 FPP B . 2.37 0.91 -2.58
C13 FPP B . 0.90 1.23 -2.32
C14 FPP B . 0.38 2.44 -3.11
C15 FPP B . -0.03 0.01 -2.41
PA FPP B . 6.44 3.00 4.98
O1A FPP B . 6.79 3.06 6.40
O2A FPP B . 7.08 4.21 4.48
O3A FPP B . 7.03 1.68 4.23
PB FPP B . 8.38 0.87 4.70
O1B FPP B . 8.07 -0.55 4.84
O2B FPP B . 8.99 1.25 5.98
O3B FPP B . 9.46 1.03 3.71
MG MG C . 9.13 3.25 8.02
MG MG D . 5.15 5.06 7.76
#